data_9S3A
#
_entry.id   9S3A
#
_cell.length_a   52.408
_cell.length_b   61.859
_cell.length_c   168.824
_cell.angle_alpha   90.00
_cell.angle_beta   90.00
_cell.angle_gamma   90.00
#
_symmetry.space_group_name_H-M   'P 21 2 21'
#
loop_
_entity.id
_entity.type
_entity.pdbx_description
1 polymer 'Glutathione S-transferase'
2 non-polymer Deoxynivalenol-13-glutathione
3 non-polymer Deoxynivalenol-13-cysteine
4 non-polymer GLYCEROL
5 non-polymer 'ACETATE ION'
6 non-polymer 'SODIUM ION'
7 non-polymer 2-AMINO-2-HYDROXYMETHYL-PROPANE-1,3-DIOL
8 water water
#
_entity_poly.entity_id   1
_entity_poly.type   'polypeptide(L)'
_entity_poly.pdbx_seq_one_letter_code
;GHMAGGGSDEVKLLGMWASPFVLRVQLALSLKGVGYEYVEEDLKSKSELLLKSNPVLQKVPVLIHDGKPVCESSVILQYI
DEAFAGVGPSLLPEEPHGRAVARFWAAYIDGTLVKASSQASMAKTEEEKAEGKKQVTAAVETLEGALRDCSNGKPFFGGD
TAGYVDVMLGGLLAWVHAGDKMKGVKTFDPATTPLLAAWADNFGSLDAVEAVMPDVGKLVEFAMAMHARAAAAATN
;
_entity_poly.pdbx_strand_id   A,B
#
# COMPACT_ATOMS: atom_id res chain seq x y z
N ASP A 9 -12.74 -16.11 16.78
CA ASP A 9 -11.73 -17.05 17.34
C ASP A 9 -11.29 -18.12 16.33
N GLU A 10 -11.99 -18.32 15.18
CA GLU A 10 -11.45 -19.08 14.05
C GLU A 10 -10.57 -18.15 13.21
N VAL A 11 -9.27 -18.46 13.12
CA VAL A 11 -8.29 -17.80 12.27
C VAL A 11 -7.77 -18.88 11.35
N LYS A 12 -8.11 -18.80 10.06
CA LYS A 12 -7.57 -19.66 9.02
C LYS A 12 -6.72 -18.83 8.04
N LEU A 13 -5.44 -19.26 7.83
CA LEU A 13 -4.52 -18.64 6.90
C LEU A 13 -4.32 -19.56 5.68
N LEU A 14 -4.84 -19.12 4.50
CA LEU A 14 -4.56 -19.69 3.21
C LEU A 14 -3.16 -19.24 2.77
N GLY A 15 -2.19 -20.16 2.74
CA GLY A 15 -0.76 -19.89 2.66
C GLY A 15 -0.08 -20.67 1.54
N MET A 16 1.20 -20.37 1.34
CA MET A 16 2.14 -21.11 0.49
C MET A 16 3.52 -20.96 1.14
N TRP A 17 4.16 -22.07 1.47
CA TRP A 17 5.31 -22.15 2.37
C TRP A 17 6.48 -21.27 1.91
N ALA A 18 6.63 -21.05 0.57
CA ALA A 18 7.70 -20.24 -0.01
C ALA A 18 7.36 -18.74 -0.18
N SER A 19 6.18 -18.24 0.23
CA SER A 19 5.75 -16.89 -0.06
C SER A 19 6.22 -16.00 1.07
N PRO A 20 7.03 -14.92 0.80
CA PRO A 20 7.30 -13.93 1.84
C PRO A 20 6.10 -13.12 2.32
N PHE A 21 5.10 -12.93 1.46
CA PHE A 21 3.86 -12.26 1.78
C PHE A 21 3.04 -13.03 2.82
N VAL A 22 2.94 -14.35 2.67
CA VAL A 22 2.38 -15.28 3.62
C VAL A 22 3.21 -15.24 4.92
N LEU A 23 4.54 -15.36 4.85
CA LEU A 23 5.38 -15.32 6.05
C LEU A 23 5.15 -14.03 6.85
N ARG A 24 4.85 -12.89 6.22
CA ARG A 24 4.44 -11.68 6.95
C ARG A 24 3.27 -11.90 7.94
N VAL A 25 2.25 -12.64 7.46
CA VAL A 25 1.02 -12.87 8.19
C VAL A 25 1.31 -13.81 9.35
N GLN A 26 2.05 -14.86 9.07
CA GLN A 26 2.55 -15.78 10.08
C GLN A 26 3.36 -15.08 11.17
N LEU A 27 4.27 -14.19 10.77
CA LEU A 27 5.06 -13.39 11.70
C LEU A 27 4.22 -12.54 12.66
N ALA A 28 3.23 -11.81 12.09
CA ALA A 28 2.33 -10.99 12.87
C ALA A 28 1.48 -11.82 13.85
N LEU A 29 0.93 -12.96 13.41
CA LEU A 29 0.13 -13.84 14.26
C LEU A 29 1.02 -14.43 15.36
N SER A 30 2.22 -14.86 15.03
CA SER A 30 3.19 -15.42 15.96
C SER A 30 3.62 -14.43 17.03
N LEU A 31 3.97 -13.20 16.60
CA LEU A 31 4.47 -12.14 17.49
C LEU A 31 3.40 -11.72 18.50
N LYS A 32 2.12 -11.66 18.07
CA LYS A 32 0.98 -11.43 18.95
C LYS A 32 0.63 -12.62 19.86
N GLY A 33 0.91 -13.86 19.45
CA GLY A 33 0.44 -15.05 20.14
C GLY A 33 -1.00 -15.46 19.79
N VAL A 34 -1.51 -15.13 18.59
CA VAL A 34 -2.80 -15.57 18.10
C VAL A 34 -2.62 -16.94 17.42
N GLY A 35 -3.41 -17.94 17.86
CA GLY A 35 -3.57 -19.20 17.19
C GLY A 35 -4.24 -19.07 15.80
N TYR A 36 -3.80 -19.94 14.86
CA TYR A 36 -4.36 -19.97 13.51
C TYR A 36 -4.19 -21.36 12.91
N GLU A 37 -5.09 -21.69 11.96
CA GLU A 37 -4.96 -22.84 11.09
C GLU A 37 -4.14 -22.45 9.84
N TYR A 38 -2.94 -23.03 9.65
CA TYR A 38 -2.22 -22.93 8.38
C TYR A 38 -2.72 -23.97 7.34
N VAL A 39 -3.19 -23.48 6.17
CA VAL A 39 -3.63 -24.30 5.03
C VAL A 39 -2.71 -24.01 3.83
N GLU A 40 -2.01 -25.04 3.33
CA GLU A 40 -1.01 -24.93 2.26
C GLU A 40 -1.80 -24.95 0.95
N GLU A 41 -1.75 -23.88 0.15
CA GLU A 41 -2.46 -23.85 -1.13
C GLU A 41 -1.47 -24.32 -2.22
N ASP A 42 -1.98 -25.09 -3.18
CA ASP A 42 -1.31 -25.37 -4.44
C ASP A 42 -1.69 -24.25 -5.41
N LEU A 43 -0.71 -23.39 -5.77
CA LEU A 43 -0.98 -22.28 -6.69
C LEU A 43 -1.08 -22.71 -8.15
N LYS A 44 -0.64 -23.95 -8.51
CA LYS A 44 -0.78 -24.54 -9.83
C LYS A 44 -2.19 -25.05 -10.11
N SER A 45 -2.87 -25.64 -9.09
CA SER A 45 -4.29 -25.98 -9.15
C SER A 45 -5.00 -25.43 -7.91
N LYS A 46 -5.60 -24.23 -8.05
CA LYS A 46 -6.06 -23.45 -6.91
C LYS A 46 -7.31 -24.06 -6.30
N SER A 47 -7.41 -24.08 -4.96
CA SER A 47 -8.55 -24.64 -4.25
C SER A 47 -9.83 -23.81 -4.49
N GLU A 48 -10.98 -24.44 -4.25
CA GLU A 48 -12.28 -23.77 -4.29
C GLU A 48 -12.37 -22.66 -3.23
N LEU A 49 -11.73 -22.86 -2.06
CA LEU A 49 -11.76 -21.93 -0.95
C LEU A 49 -10.93 -20.67 -1.28
N LEU A 50 -9.72 -20.83 -1.83
CA LEU A 50 -8.92 -19.74 -2.33
C LEU A 50 -9.68 -18.91 -3.40
N LEU A 51 -10.20 -19.60 -4.42
CA LEU A 51 -10.92 -18.97 -5.51
C LEU A 51 -12.18 -18.24 -5.02
N LYS A 52 -12.86 -18.73 -3.98
CA LYS A 52 -14.00 -18.05 -3.40
C LYS A 52 -13.59 -16.91 -2.46
N SER A 53 -12.49 -17.08 -1.70
CA SER A 53 -12.00 -16.13 -0.70
C SER A 53 -11.28 -14.93 -1.30
N ASN A 54 -10.54 -15.12 -2.41
CA ASN A 54 -9.87 -14.04 -3.12
C ASN A 54 -10.32 -14.11 -4.57
N PRO A 55 -11.61 -13.83 -4.91
CA PRO A 55 -12.09 -13.95 -6.29
C PRO A 55 -11.42 -13.00 -7.30
N VAL A 56 -10.93 -11.81 -6.86
CA VAL A 56 -10.40 -10.78 -7.76
C VAL A 56 -8.93 -11.09 -8.07
N LEU A 57 -8.08 -11.46 -7.09
CA LEU A 57 -6.65 -11.67 -7.33
C LEU A 57 -6.17 -13.13 -7.32
N GLN A 58 -6.83 -14.04 -6.59
CA GLN A 58 -6.52 -15.47 -6.53
C GLN A 58 -5.15 -15.73 -5.92
N LYS A 59 -4.74 -14.86 -4.97
CA LYS A 59 -3.42 -14.90 -4.37
C LYS A 59 -3.49 -15.20 -2.88
N VAL A 60 -2.48 -15.88 -2.35
CA VAL A 60 -2.15 -16.00 -0.94
C VAL A 60 -1.22 -14.85 -0.57
N PRO A 61 -1.16 -14.40 0.71
CA PRO A 61 -2.06 -14.84 1.80
C PRO A 61 -3.53 -14.42 1.66
N VAL A 62 -4.43 -15.28 2.16
CA VAL A 62 -5.76 -14.88 2.63
C VAL A 62 -5.87 -15.28 4.11
N LEU A 63 -6.30 -14.33 4.98
CA LEU A 63 -6.68 -14.59 6.37
C LEU A 63 -8.20 -14.57 6.42
N ILE A 64 -8.79 -15.63 7.01
CA ILE A 64 -10.21 -15.79 7.25
C ILE A 64 -10.40 -15.78 8.77
N HIS A 65 -10.97 -14.66 9.27
CA HIS A 65 -11.37 -14.47 10.66
C HIS A 65 -12.90 -14.50 10.74
N ASP A 66 -13.45 -15.51 11.45
CA ASP A 66 -14.88 -15.77 11.67
C ASP A 66 -15.69 -15.72 10.38
N GLY A 67 -15.17 -16.42 9.34
CA GLY A 67 -15.84 -16.55 8.07
C GLY A 67 -15.59 -15.41 7.09
N LYS A 68 -14.89 -14.32 7.48
CA LYS A 68 -14.71 -13.14 6.64
C LYS A 68 -13.27 -13.15 6.10
N PRO A 69 -13.00 -13.29 4.77
CA PRO A 69 -11.62 -13.21 4.24
C PRO A 69 -11.02 -11.79 4.20
N VAL A 70 -9.69 -11.72 4.35
CA VAL A 70 -8.89 -10.53 4.23
C VAL A 70 -7.66 -10.88 3.36
N CYS A 71 -7.34 -9.99 2.39
CA CYS A 71 -6.39 -10.25 1.31
C CYS A 71 -5.39 -9.11 1.28
N GLU A 72 -4.15 -9.40 0.82
CA GLU A 72 -3.03 -8.47 0.66
C GLU A 72 -2.32 -8.37 2.00
N SER A 73 -1.05 -8.86 2.07
CA SER A 73 -0.28 -8.98 3.30
C SER A 73 -0.31 -7.71 4.18
N SER A 74 -0.15 -6.52 3.60
CA SER A 74 -0.03 -5.28 4.35
C SER A 74 -1.39 -4.90 4.95
N VAL A 75 -2.49 -5.06 4.18
CA VAL A 75 -3.87 -4.99 4.65
C VAL A 75 -4.13 -6.00 5.79
N ILE A 76 -3.62 -7.23 5.64
CA ILE A 76 -3.82 -8.25 6.66
C ILE A 76 -3.11 -7.85 7.96
N LEU A 77 -1.84 -7.43 7.89
CA LEU A 77 -1.11 -6.95 9.06
C LEU A 77 -1.86 -5.84 9.83
N GLN A 78 -2.51 -4.94 9.10
CA GLN A 78 -3.21 -3.82 9.73
C GLN A 78 -4.53 -4.28 10.34
N TYR A 79 -5.24 -5.20 9.66
CA TYR A 79 -6.42 -5.87 10.20
C TYR A 79 -6.11 -6.58 11.52
N ILE A 80 -5.12 -7.47 11.57
CA ILE A 80 -4.67 -8.11 12.80
C ILE A 80 -4.39 -7.07 13.88
N ASP A 81 -3.74 -5.96 13.52
CA ASP A 81 -3.46 -4.89 14.46
C ASP A 81 -4.72 -4.25 15.05
N GLU A 82 -5.76 -4.06 14.25
CA GLU A 82 -7.05 -3.50 14.61
C GLU A 82 -7.97 -4.53 15.29
N ALA A 83 -8.03 -5.77 14.79
CA ALA A 83 -8.90 -6.83 15.30
C ALA A 83 -8.39 -7.54 16.57
N PHE A 84 -7.06 -7.61 16.84
CA PHE A 84 -6.48 -8.29 18.01
C PHE A 84 -5.78 -7.30 18.96
N ALA A 85 -6.43 -6.14 19.18
CA ALA A 85 -5.86 -5.01 19.94
C ALA A 85 -5.86 -5.39 21.43
N GLY A 86 -4.70 -5.22 22.07
CA GLY A 86 -4.48 -5.67 23.44
C GLY A 86 -4.46 -7.21 23.62
N VAL A 87 -4.15 -7.97 22.54
CA VAL A 87 -3.58 -9.30 22.62
C VAL A 87 -2.14 -9.11 22.21
N GLY A 88 -1.18 -9.20 23.15
CA GLY A 88 0.21 -8.95 22.83
C GLY A 88 0.47 -7.50 22.37
N PRO A 89 1.70 -7.13 21.94
CA PRO A 89 1.99 -5.79 21.42
C PRO A 89 1.35 -5.46 20.06
N SER A 90 1.09 -4.16 19.83
CA SER A 90 0.63 -3.62 18.56
C SER A 90 1.84 -3.47 17.63
N LEU A 91 1.64 -3.70 16.32
CA LEU A 91 2.62 -3.47 15.25
C LEU A 91 2.72 -2.00 14.86
N LEU A 92 1.58 -1.31 14.70
CA LEU A 92 1.56 0.06 14.25
C LEU A 92 1.93 0.94 15.44
N PRO A 93 2.67 2.07 15.24
CA PRO A 93 2.74 3.13 16.26
C PRO A 93 1.40 3.71 16.67
N GLU A 94 1.37 4.27 17.87
CA GLU A 94 0.18 4.91 18.42
C GLU A 94 -0.14 6.22 17.71
N GLU A 95 0.86 7.06 17.41
CA GLU A 95 0.62 8.44 16.95
C GLU A 95 0.49 8.52 15.43
N PRO A 96 -0.37 9.39 14.80
CA PRO A 96 -0.57 9.41 13.34
C PRO A 96 0.72 9.57 12.50
N HIS A 97 1.64 10.40 12.96
CA HIS A 97 2.90 10.63 12.32
C HIS A 97 3.75 9.36 12.29
N GLY A 98 3.95 8.70 13.45
CA GLY A 98 4.73 7.46 13.46
C GLY A 98 4.12 6.34 12.61
N ARG A 99 2.77 6.28 12.57
CA ARG A 99 2.06 5.40 11.65
C ARG A 99 2.30 5.76 10.18
N ALA A 100 2.35 7.03 9.82
CA ALA A 100 2.60 7.51 8.46
C ALA A 100 4.02 7.14 7.99
N VAL A 101 5.00 7.24 8.90
CA VAL A 101 6.36 6.77 8.70
C VAL A 101 6.37 5.26 8.44
N ALA A 102 5.71 4.47 9.28
CA ALA A 102 5.62 3.02 9.18
C ALA A 102 4.93 2.57 7.89
N ARG A 103 3.77 3.19 7.57
CA ARG A 103 3.13 2.92 6.28
C ARG A 103 3.99 3.29 5.05
N PHE A 104 4.72 4.44 5.10
CA PHE A 104 5.66 4.88 4.07
C PHE A 104 6.71 3.81 3.77
N TRP A 105 7.43 3.37 4.82
CA TRP A 105 8.44 2.33 4.68
C TRP A 105 7.85 0.98 4.23
N ALA A 106 6.63 0.63 4.63
CA ALA A 106 5.93 -0.52 4.09
C ALA A 106 5.72 -0.40 2.59
N ALA A 107 5.21 0.77 2.13
CA ALA A 107 4.98 1.02 0.71
C ALA A 107 6.29 0.97 -0.09
N TYR A 108 7.38 1.46 0.51
CA TYR A 108 8.70 1.47 -0.09
C TYR A 108 9.26 0.05 -0.22
N ILE A 109 9.07 -0.79 0.81
CA ILE A 109 9.53 -2.17 0.72
C ILE A 109 8.85 -2.89 -0.44
N ASP A 110 7.52 -2.78 -0.57
CA ASP A 110 6.76 -3.39 -1.66
C ASP A 110 7.01 -2.71 -3.01
N GLY A 111 6.93 -1.38 -3.06
CA GLY A 111 7.03 -0.65 -4.31
C GLY A 111 8.44 -0.49 -4.87
N THR A 112 9.49 -0.55 -4.02
CA THR A 112 10.86 -0.31 -4.43
C THR A 112 11.66 -1.59 -4.21
N LEU A 113 11.82 -2.09 -2.97
CA LEU A 113 12.76 -3.19 -2.72
C LEU A 113 12.34 -4.47 -3.46
N VAL A 114 11.08 -4.90 -3.32
CA VAL A 114 10.56 -6.14 -3.90
C VAL A 114 10.48 -6.04 -5.42
N LYS A 115 10.04 -4.90 -5.98
CA LYS A 115 10.06 -4.65 -7.42
C LYS A 115 11.48 -4.81 -8.00
N ALA A 116 12.50 -4.31 -7.27
CA ALA A 116 13.90 -4.41 -7.70
C ALA A 116 14.45 -5.84 -7.61
N SER A 117 14.23 -6.57 -6.51
CA SER A 117 14.73 -7.94 -6.33
C SER A 117 14.02 -8.95 -7.24
N SER A 118 12.76 -8.70 -7.64
CA SER A 118 12.11 -9.50 -8.68
C SER A 118 12.75 -9.25 -10.05
N GLN A 119 13.04 -8.00 -10.38
CA GLN A 119 13.76 -7.61 -11.60
C GLN A 119 15.20 -8.16 -11.61
N ALA A 120 15.88 -8.23 -10.45
CA ALA A 120 17.14 -8.94 -10.27
C ALA A 120 16.99 -10.46 -10.51
N SER A 121 15.88 -11.08 -10.03
CA SER A 121 15.60 -12.51 -10.16
C SER A 121 14.98 -12.97 -11.51
N MET A 122 14.81 -12.07 -12.53
CA MET A 122 14.23 -12.41 -13.84
C MET A 122 14.97 -11.63 -14.94
N LYS A 129 19.56 -7.36 -14.88
CA LYS A 129 20.30 -8.23 -13.92
C LYS A 129 21.32 -7.37 -13.15
N ALA A 130 22.22 -6.70 -13.88
CA ALA A 130 23.06 -5.63 -13.34
C ALA A 130 22.21 -4.44 -12.88
N GLU A 131 21.29 -3.98 -13.75
CA GLU A 131 20.37 -2.86 -13.56
C GLU A 131 19.51 -3.07 -12.31
N GLY A 132 18.91 -4.26 -12.18
CA GLY A 132 18.16 -4.67 -11.01
C GLY A 132 19.03 -4.75 -9.74
N LYS A 133 20.29 -5.21 -9.88
CA LYS A 133 21.26 -5.23 -8.79
C LYS A 133 21.65 -3.81 -8.33
N LYS A 134 21.63 -2.79 -9.22
CA LYS A 134 21.80 -1.39 -8.84
C LYS A 134 20.66 -0.93 -7.90
N GLN A 135 19.39 -1.25 -8.27
CA GLN A 135 18.21 -0.86 -7.52
C GLN A 135 18.10 -1.59 -6.19
N VAL A 136 18.49 -2.86 -6.08
CA VAL A 136 18.42 -3.62 -4.81
C VAL A 136 19.40 -3.01 -3.80
N THR A 137 20.67 -2.79 -4.20
CA THR A 137 21.70 -2.19 -3.37
C THR A 137 21.29 -0.80 -2.88
N ALA A 138 20.67 0.00 -3.78
CA ALA A 138 20.17 1.33 -3.51
C ALA A 138 19.07 1.33 -2.44
N ALA A 139 18.10 0.40 -2.57
CA ALA A 139 16.96 0.28 -1.68
C ALA A 139 17.38 -0.20 -0.30
N VAL A 140 18.32 -1.15 -0.24
CA VAL A 140 18.89 -1.64 1.02
C VAL A 140 19.63 -0.51 1.73
N GLU A 141 20.43 0.29 1.01
CA GLU A 141 21.07 1.50 1.53
C GLU A 141 20.06 2.45 2.21
N THR A 142 18.98 2.83 1.51
CA THR A 142 17.90 3.64 2.02
C THR A 142 17.28 3.07 3.32
N LEU A 143 17.01 1.76 3.34
CA LEU A 143 16.49 1.03 4.48
C LEU A 143 17.44 0.96 5.68
N GLU A 144 18.77 1.06 5.50
CA GLU A 144 19.72 1.33 6.57
C GLU A 144 19.42 2.68 7.27
N GLY A 145 19.11 3.69 6.46
CA GLY A 145 18.76 5.02 6.94
C GLY A 145 17.40 5.03 7.64
N ALA A 146 16.42 4.27 7.09
CA ALA A 146 15.13 4.11 7.74
C ALA A 146 15.32 3.53 9.15
N LEU A 147 16.18 2.52 9.28
CA LEU A 147 16.38 1.82 10.55
C LEU A 147 17.02 2.74 11.60
N ARG A 148 18.09 3.43 11.25
CA ARG A 148 18.72 4.44 12.11
C ARG A 148 17.70 5.46 12.66
N ASP A 149 16.84 5.99 11.77
CA ASP A 149 15.91 7.07 12.06
C ASP A 149 14.69 6.59 12.84
N CYS A 150 14.19 5.39 12.52
CA CYS A 150 13.07 4.74 13.17
C CYS A 150 13.46 4.15 14.52
N SER A 151 14.58 3.42 14.60
CA SER A 151 14.93 2.63 15.77
C SER A 151 15.26 3.46 17.00
N ASN A 152 16.00 4.58 16.87
CA ASN A 152 16.41 5.44 17.97
C ASN A 152 17.34 4.71 18.95
N GLY A 153 18.29 3.95 18.42
CA GLY A 153 19.21 3.16 19.22
C GLY A 153 18.63 1.84 19.74
N LYS A 154 17.39 1.47 19.38
CA LYS A 154 16.77 0.24 19.86
C LYS A 154 16.94 -0.81 18.76
N PRO A 155 16.77 -2.14 19.03
CA PRO A 155 17.03 -3.16 18.01
C PRO A 155 16.12 -3.12 16.77
N PHE A 156 14.91 -2.60 16.84
CA PHE A 156 13.93 -2.83 15.78
C PHE A 156 13.42 -1.52 15.26
N PHE A 157 12.80 -1.54 14.07
CA PHE A 157 12.01 -0.41 13.58
C PHE A 157 10.95 0.06 14.59
N GLY A 158 10.21 -0.88 15.19
CA GLY A 158 9.17 -0.59 16.19
C GLY A 158 9.68 -0.44 17.61
N GLY A 159 10.96 -0.65 17.90
CA GLY A 159 11.57 -0.21 19.16
C GLY A 159 12.22 -1.38 19.88
N ASP A 160 11.82 -1.62 21.12
CA ASP A 160 12.24 -2.80 21.88
C ASP A 160 11.55 -4.10 21.44
N THR A 161 10.41 -4.00 20.72
CA THR A 161 9.72 -5.15 20.16
C THR A 161 9.45 -4.87 18.70
N ALA A 162 9.35 -5.94 17.90
CA ALA A 162 9.09 -5.84 16.48
C ALA A 162 7.76 -5.17 16.20
N GLY A 163 7.71 -4.32 15.18
CA GLY A 163 6.56 -3.54 14.74
C GLY A 163 6.25 -3.86 13.29
N TYR A 164 5.38 -3.09 12.68
CA TYR A 164 4.89 -3.27 11.32
C TYR A 164 6.02 -3.32 10.30
N VAL A 165 6.95 -2.36 10.34
CA VAL A 165 8.06 -2.27 9.41
C VAL A 165 8.94 -3.51 9.55
N ASP A 166 9.30 -3.91 10.79
CA ASP A 166 10.09 -5.12 10.99
C ASP A 166 9.44 -6.38 10.39
N VAL A 167 8.11 -6.48 10.44
CA VAL A 167 7.38 -7.63 9.89
C VAL A 167 7.36 -7.47 8.37
N MET A 168 7.12 -6.29 7.81
CA MET A 168 7.10 -6.16 6.35
C MET A 168 8.47 -6.54 5.72
N LEU A 169 9.56 -6.11 6.33
CA LEU A 169 10.90 -6.46 5.90
C LEU A 169 11.25 -7.89 6.33
N GLY A 170 10.88 -8.27 7.57
CA GLY A 170 11.11 -9.60 8.15
C GLY A 170 10.55 -10.76 7.33
N GLY A 171 9.40 -10.53 6.69
CA GLY A 171 8.79 -11.47 5.76
C GLY A 171 9.67 -11.93 4.60
N LEU A 172 10.57 -11.04 4.13
CA LEU A 172 11.54 -11.31 3.06
C LEU A 172 12.83 -11.96 3.56
N LEU A 173 13.08 -12.14 4.86
CA LEU A 173 14.34 -12.67 5.36
C LEU A 173 14.65 -14.09 4.90
N ALA A 174 13.67 -15.04 4.91
CA ALA A 174 13.95 -16.38 4.40
C ALA A 174 14.46 -16.37 2.94
N TRP A 175 13.69 -15.68 2.07
CA TRP A 175 13.91 -15.48 0.65
C TRP A 175 15.22 -14.72 0.38
N VAL A 176 15.61 -13.78 1.24
CA VAL A 176 16.92 -13.15 1.24
C VAL A 176 18.01 -14.15 1.63
N HIS A 177 17.82 -14.94 2.71
CA HIS A 177 18.86 -15.83 3.21
C HIS A 177 19.15 -16.98 2.21
N ALA A 178 18.12 -17.51 1.55
CA ALA A 178 18.27 -18.53 0.49
C ALA A 178 19.10 -18.00 -0.70
N GLY A 179 18.69 -16.88 -1.29
CA GLY A 179 19.47 -16.11 -2.26
C GLY A 179 20.95 -15.92 -1.87
N ASP A 180 21.18 -15.45 -0.66
CA ASP A 180 22.51 -15.28 -0.07
C ASP A 180 23.24 -16.60 0.10
N LYS A 181 22.55 -17.68 0.53
CA LYS A 181 23.13 -19.02 0.63
C LYS A 181 23.60 -19.58 -0.74
N MET A 182 22.77 -19.45 -1.78
CA MET A 182 23.07 -19.87 -3.13
C MET A 182 24.17 -18.98 -3.80
N LYS A 183 24.22 -17.66 -3.52
CA LYS A 183 25.14 -16.71 -4.14
C LYS A 183 26.49 -16.57 -3.44
N GLY A 184 26.61 -16.79 -2.11
CA GLY A 184 27.84 -16.44 -1.38
C GLY A 184 28.00 -14.95 -1.04
N VAL A 185 26.88 -14.20 -0.98
CA VAL A 185 26.89 -12.74 -0.79
C VAL A 185 25.97 -12.49 0.40
N LYS A 186 26.16 -11.38 1.13
CA LYS A 186 25.20 -10.87 2.10
C LYS A 186 24.47 -9.69 1.47
N THR A 187 23.13 -9.77 1.39
CA THR A 187 22.26 -8.64 1.03
C THR A 187 22.35 -7.55 2.12
N PHE A 188 22.26 -7.94 3.41
CA PHE A 188 22.53 -7.14 4.59
C PHE A 188 23.98 -7.45 5.01
N ASP A 189 24.92 -6.90 4.23
CA ASP A 189 26.33 -7.07 4.47
C ASP A 189 26.74 -6.18 5.65
N PRO A 190 27.37 -6.73 6.73
CA PRO A 190 27.97 -5.93 7.81
C PRO A 190 28.86 -4.77 7.42
N ALA A 191 29.63 -4.94 6.35
CA ALA A 191 30.52 -3.91 5.82
C ALA A 191 29.75 -2.73 5.26
N THR A 192 28.54 -2.94 4.69
CA THR A 192 27.85 -1.87 3.95
C THR A 192 26.59 -1.39 4.64
N THR A 193 25.76 -2.27 5.21
CA THR A 193 24.59 -1.92 6.05
C THR A 193 24.72 -2.64 7.40
N PRO A 194 25.57 -2.19 8.35
CA PRO A 194 25.76 -2.90 9.62
C PRO A 194 24.52 -2.95 10.51
N LEU A 195 23.70 -1.85 10.55
CA LEU A 195 22.45 -1.79 11.31
C LEU A 195 21.46 -2.88 10.86
N LEU A 196 21.31 -3.06 9.52
CA LEU A 196 20.46 -4.08 8.93
C LEU A 196 21.01 -5.48 9.19
N ALA A 197 22.34 -5.65 9.17
CA ALA A 197 22.92 -6.95 9.52
C ALA A 197 22.61 -7.35 10.96
N ALA A 198 22.81 -6.48 11.93
CA ALA A 198 22.45 -6.65 13.36
C ALA A 198 20.94 -6.89 13.53
N TRP A 199 20.09 -6.12 12.82
CA TRP A 199 18.65 -6.29 12.78
C TRP A 199 18.20 -7.67 12.30
N ALA A 200 18.73 -8.11 11.16
CA ALA A 200 18.43 -9.43 10.60
C ALA A 200 18.73 -10.54 11.61
N ASP A 201 19.92 -10.48 12.26
CA ASP A 201 20.27 -11.41 13.35
C ASP A 201 19.33 -11.29 14.56
N ASN A 202 18.99 -10.07 15.00
CA ASN A 202 18.11 -9.87 16.15
C ASN A 202 16.66 -10.33 15.93
N PHE A 203 16.05 -9.93 14.80
CA PHE A 203 14.72 -10.35 14.40
C PHE A 203 14.66 -11.86 14.16
N GLY A 204 15.64 -12.39 13.40
CA GLY A 204 15.74 -13.79 13.11
C GLY A 204 15.95 -14.66 14.34
N SER A 205 16.54 -14.16 15.45
CA SER A 205 16.76 -14.96 16.67
C SER A 205 15.58 -14.94 17.67
N LEU A 206 14.49 -14.22 17.35
CA LEU A 206 13.26 -14.23 18.13
C LEU A 206 12.60 -15.60 17.97
N ASP A 207 12.18 -16.20 19.09
CA ASP A 207 11.41 -17.45 19.14
C ASP A 207 10.16 -17.38 18.27
N ALA A 208 9.44 -16.28 18.32
CA ALA A 208 8.24 -16.06 17.52
C ALA A 208 8.54 -16.05 16.03
N VAL A 209 9.74 -15.57 15.64
CA VAL A 209 10.21 -15.54 14.26
C VAL A 209 10.72 -16.92 13.82
N GLU A 210 11.59 -17.53 14.63
CA GLU A 210 12.14 -18.86 14.44
C GLU A 210 11.07 -19.95 14.27
N ALA A 211 9.92 -19.84 14.93
CA ALA A 211 8.83 -20.80 14.83
C ALA A 211 8.17 -20.86 13.45
N VAL A 212 8.22 -19.80 12.64
CA VAL A 212 7.55 -19.76 11.35
C VAL A 212 8.54 -19.55 10.21
N MET A 213 9.87 -19.58 10.48
CA MET A 213 10.88 -19.23 9.46
C MET A 213 11.16 -20.52 8.70
N PRO A 214 10.89 -20.66 7.37
CA PRO A 214 11.10 -21.91 6.64
C PRO A 214 12.55 -22.36 6.63
N ASP A 215 12.77 -23.65 6.44
CA ASP A 215 14.10 -24.23 6.17
C ASP A 215 14.73 -23.56 4.93
N VAL A 216 15.91 -22.92 5.13
CA VAL A 216 16.68 -22.28 4.07
C VAL A 216 17.00 -23.27 2.93
N GLY A 217 17.43 -24.49 3.26
CA GLY A 217 17.76 -25.52 2.30
C GLY A 217 16.61 -25.84 1.36
N LYS A 218 15.38 -25.95 1.89
CA LYS A 218 14.21 -26.20 1.06
C LYS A 218 13.91 -24.97 0.19
N LEU A 219 14.08 -23.76 0.73
CA LEU A 219 13.91 -22.50 -0.01
C LEU A 219 14.91 -22.35 -1.16
N VAL A 220 16.19 -22.79 -0.91
CA VAL A 220 17.28 -22.82 -1.88
C VAL A 220 16.82 -23.60 -3.10
N GLU A 221 16.35 -24.83 -2.87
CA GLU A 221 15.93 -25.74 -3.92
C GLU A 221 14.80 -25.15 -4.75
N PHE A 222 13.82 -24.58 -4.06
CA PHE A 222 12.63 -23.99 -4.66
C PHE A 222 13.07 -22.86 -5.59
N ALA A 223 13.88 -21.91 -5.08
CA ALA A 223 14.50 -20.82 -5.86
C ALA A 223 15.19 -21.32 -7.11
N MET A 224 16.12 -22.29 -6.94
CA MET A 224 16.86 -22.97 -8.00
C MET A 224 15.98 -23.54 -9.12
N ALA A 225 14.75 -23.98 -8.84
CA ALA A 225 13.82 -24.45 -9.88
C ALA A 225 13.39 -23.31 -10.81
N MET A 226 13.00 -22.15 -10.25
CA MET A 226 12.38 -21.04 -10.98
C MET A 226 13.26 -20.48 -12.12
N ASP B 9 -1.51 28.03 7.41
CA ASP B 9 -2.47 27.28 8.29
C ASP B 9 -1.80 26.25 9.23
N GLU B 10 -0.44 26.13 9.23
CA GLU B 10 0.35 24.99 9.71
C GLU B 10 0.10 23.63 8.99
N VAL B 11 -0.63 23.70 7.86
CA VAL B 11 -0.94 22.60 6.97
C VAL B 11 -0.47 23.12 5.62
N LYS B 12 0.58 22.47 5.09
CA LYS B 12 1.16 22.79 3.79
C LYS B 12 1.10 21.51 2.94
N LEU B 13 0.52 21.66 1.73
CA LEU B 13 0.61 20.71 0.66
C LEU B 13 1.64 21.17 -0.40
N LEU B 14 2.73 20.39 -0.55
CA LEU B 14 3.67 20.46 -1.70
C LEU B 14 3.00 19.70 -2.84
N GLY B 15 2.63 20.43 -3.91
CA GLY B 15 1.70 19.92 -4.91
C GLY B 15 2.22 20.08 -6.34
N MET B 16 1.47 19.52 -7.29
CA MET B 16 1.57 19.81 -8.71
C MET B 16 0.16 19.69 -9.29
N TRP B 17 -0.32 20.76 -9.94
CA TRP B 17 -1.73 20.94 -10.23
C TRP B 17 -2.32 19.80 -11.09
N ALA B 18 -1.49 19.17 -11.96
CA ALA B 18 -1.92 18.12 -12.87
C ALA B 18 -1.81 16.69 -12.32
N SER B 19 -1.26 16.49 -11.11
CA SER B 19 -1.07 15.20 -10.49
C SER B 19 -2.39 14.68 -9.91
N PRO B 20 -2.86 13.46 -10.28
CA PRO B 20 -3.95 12.81 -9.55
C PRO B 20 -3.65 12.41 -8.10
N PHE B 21 -2.38 12.14 -7.76
CA PHE B 21 -1.99 11.80 -6.39
C PHE B 21 -2.12 13.02 -5.46
N VAL B 22 -1.71 14.21 -5.95
CA VAL B 22 -1.94 15.48 -5.27
C VAL B 22 -3.45 15.79 -5.19
N LEU B 23 -4.22 15.57 -6.27
CA LEU B 23 -5.67 15.78 -6.23
C LEU B 23 -6.34 14.95 -5.12
N ARG B 24 -5.88 13.71 -4.87
CA ARG B 24 -6.38 12.92 -3.74
C ARG B 24 -6.32 13.67 -2.40
N VAL B 25 -5.20 14.38 -2.14
CA VAL B 25 -4.93 15.02 -0.87
C VAL B 25 -5.79 16.28 -0.77
N GLN B 26 -5.86 17.05 -1.86
CA GLN B 26 -6.81 18.16 -1.99
C GLN B 26 -8.26 17.71 -1.74
N LEU B 27 -8.70 16.61 -2.32
CA LEU B 27 -10.06 16.09 -2.11
C LEU B 27 -10.32 15.74 -0.63
N ALA B 28 -9.39 15.02 0.03
CA ALA B 28 -9.48 14.67 1.45
C ALA B 28 -9.58 15.90 2.37
N LEU B 29 -8.70 16.89 2.12
CA LEU B 29 -8.69 18.15 2.86
C LEU B 29 -10.00 18.90 2.63
N SER B 30 -10.46 18.98 1.37
CA SER B 30 -11.71 19.67 1.02
C SER B 30 -12.94 19.02 1.66
N LEU B 31 -13.05 17.67 1.66
CA LEU B 31 -14.22 16.99 2.21
C LEU B 31 -14.39 17.25 3.72
N LYS B 32 -13.28 17.30 4.48
CA LYS B 32 -13.28 17.68 5.89
C LYS B 32 -13.45 19.18 6.13
N GLY B 33 -13.06 20.03 5.16
CA GLY B 33 -12.98 21.47 5.36
C GLY B 33 -11.74 21.86 6.18
N VAL B 34 -10.61 21.12 6.06
CA VAL B 34 -9.33 21.53 6.62
C VAL B 34 -8.67 22.53 5.65
N GLY B 35 -8.36 23.75 6.17
CA GLY B 35 -7.62 24.75 5.43
C GLY B 35 -6.14 24.38 5.35
N TYR B 36 -5.48 24.81 4.27
CA TYR B 36 -4.09 24.45 4.00
C TYR B 36 -3.48 25.50 3.05
N GLU B 37 -2.15 25.62 3.12
CA GLU B 37 -1.34 26.30 2.10
C GLU B 37 -0.93 25.30 1.00
N TYR B 38 -1.43 25.53 -0.24
CA TYR B 38 -0.92 24.90 -1.45
C TYR B 38 0.37 25.59 -1.98
N VAL B 39 1.45 24.82 -2.22
CA VAL B 39 2.68 25.23 -2.90
C VAL B 39 2.86 24.43 -4.19
N GLU B 40 2.93 25.08 -5.37
CA GLU B 40 3.04 24.43 -6.67
C GLU B 40 4.52 24.06 -6.86
N GLU B 41 4.85 22.77 -7.06
CA GLU B 41 6.22 22.35 -7.34
C GLU B 41 6.48 22.37 -8.84
N ASP B 42 7.66 22.89 -9.24
CA ASP B 42 8.26 22.58 -10.53
C ASP B 42 9.05 21.28 -10.37
N LEU B 43 8.57 20.20 -11.01
CA LEU B 43 9.22 18.89 -10.91
C LEU B 43 10.50 18.80 -11.77
N LYS B 44 10.77 19.78 -12.68
CA LYS B 44 12.02 19.89 -13.44
C LYS B 44 13.17 20.48 -12.61
N SER B 45 12.89 21.46 -11.73
CA SER B 45 13.83 21.99 -10.73
C SER B 45 13.16 21.99 -9.35
N LYS B 46 13.38 20.91 -8.59
CA LYS B 46 12.63 20.63 -7.37
C LYS B 46 13.07 21.57 -6.25
N SER B 47 12.10 22.01 -5.41
CA SER B 47 12.40 22.96 -4.35
C SER B 47 13.28 22.33 -3.26
N GLU B 48 13.95 23.19 -2.49
CA GLU B 48 14.68 22.81 -1.28
C GLU B 48 13.78 22.09 -0.29
N LEU B 49 12.53 22.57 -0.13
CA LEU B 49 11.59 22.02 0.86
C LEU B 49 11.12 20.63 0.46
N LEU B 50 10.74 20.44 -0.81
CA LEU B 50 10.47 19.12 -1.38
C LEU B 50 11.63 18.12 -1.19
N LEU B 51 12.84 18.49 -1.57
CA LEU B 51 14.02 17.62 -1.47
C LEU B 51 14.38 17.33 0.01
N LYS B 52 14.11 18.25 0.93
CA LYS B 52 14.31 18.01 2.36
C LYS B 52 13.19 17.15 2.93
N SER B 53 11.94 17.31 2.44
CA SER B 53 10.75 16.71 3.03
C SER B 53 10.53 15.29 2.52
N ASN B 54 10.87 15.01 1.24
CA ASN B 54 10.78 13.68 0.66
C ASN B 54 12.15 13.36 0.09
N PRO B 55 13.23 13.15 0.91
CA PRO B 55 14.55 12.86 0.40
C PRO B 55 14.66 11.51 -0.33
N VAL B 56 13.80 10.52 -0.04
CA VAL B 56 13.91 9.19 -0.63
C VAL B 56 13.29 9.14 -2.02
N LEU B 57 12.07 9.65 -2.22
CA LEU B 57 11.34 9.54 -3.50
C LEU B 57 11.26 10.83 -4.31
N GLN B 58 11.31 12.01 -3.68
CA GLN B 58 11.35 13.32 -4.33
C GLN B 58 10.08 13.58 -5.16
N LYS B 59 8.94 13.08 -4.74
CA LYS B 59 7.65 13.20 -5.38
C LYS B 59 6.69 13.97 -4.45
N VAL B 60 5.76 14.70 -5.10
CA VAL B 60 4.53 15.22 -4.55
C VAL B 60 3.46 14.14 -4.69
N PRO B 61 2.35 14.15 -3.87
CA PRO B 61 2.15 15.05 -2.75
C PRO B 61 3.09 14.85 -1.57
N VAL B 62 3.47 15.99 -0.91
CA VAL B 62 3.91 15.97 0.48
C VAL B 62 2.97 16.86 1.31
N LEU B 63 2.46 16.36 2.44
CA LEU B 63 1.76 17.14 3.45
C LEU B 63 2.74 17.41 4.59
N ILE B 64 2.87 18.69 4.98
CA ILE B 64 3.61 19.12 6.15
C ILE B 64 2.60 19.68 7.15
N HIS B 65 2.47 18.99 8.29
CA HIS B 65 1.64 19.36 9.42
C HIS B 65 2.58 19.57 10.60
N ASP B 66 2.66 20.82 11.14
CA ASP B 66 3.42 21.12 12.35
C ASP B 66 4.90 20.76 12.22
N GLY B 67 5.48 21.08 11.05
CA GLY B 67 6.86 20.79 10.71
C GLY B 67 7.16 19.36 10.24
N LYS B 68 6.22 18.42 10.26
CA LYS B 68 6.48 16.99 10.08
C LYS B 68 5.96 16.61 8.69
N PRO B 69 6.83 16.15 7.74
CA PRO B 69 6.35 15.79 6.40
C PRO B 69 5.71 14.40 6.37
N VAL B 70 4.72 14.24 5.46
CA VAL B 70 4.01 13.00 5.24
C VAL B 70 3.92 12.78 3.73
N CYS B 71 4.35 11.60 3.26
CA CYS B 71 4.60 11.30 1.86
C CYS B 71 3.70 10.13 1.45
N GLU B 72 3.33 10.07 0.15
CA GLU B 72 2.56 9.00 -0.49
C GLU B 72 1.10 9.30 -0.26
N SER B 73 0.30 9.46 -1.34
CA SER B 73 -1.08 9.92 -1.26
C SER B 73 -1.94 9.04 -0.35
N SER B 74 -1.83 7.71 -0.44
CA SER B 74 -2.64 6.80 0.36
C SER B 74 -2.24 6.90 1.84
N VAL B 75 -0.94 7.02 2.12
CA VAL B 75 -0.47 7.30 3.48
C VAL B 75 -0.97 8.68 3.98
N ILE B 76 -0.95 9.71 3.13
CA ILE B 76 -1.45 11.05 3.49
C ILE B 76 -2.96 11.00 3.81
N LEU B 77 -3.75 10.35 2.93
CA LEU B 77 -5.19 10.13 3.19
C LEU B 77 -5.49 9.49 4.55
N GLN B 78 -4.66 8.54 4.96
CA GLN B 78 -4.87 7.87 6.23
C GLN B 78 -4.47 8.75 7.40
N TYR B 79 -3.33 9.41 7.29
CA TYR B 79 -2.85 10.44 8.21
C TYR B 79 -3.91 11.50 8.51
N ILE B 80 -4.45 12.16 7.46
CA ILE B 80 -5.53 13.13 7.54
C ILE B 80 -6.67 12.56 8.36
N ASP B 81 -7.04 11.30 8.05
CA ASP B 81 -8.13 10.63 8.74
C ASP B 81 -7.85 10.47 10.23
N GLU B 82 -6.61 10.12 10.62
CA GLU B 82 -6.25 9.93 12.01
C GLU B 82 -6.01 11.25 12.74
N ALA B 83 -5.30 12.22 12.10
CA ALA B 83 -4.88 13.46 12.75
C ALA B 83 -5.97 14.54 12.84
N PHE B 84 -6.94 14.57 11.89
CA PHE B 84 -8.08 15.48 11.86
C PHE B 84 -9.39 14.69 12.07
N ALA B 85 -9.42 13.78 13.06
CA ALA B 85 -10.59 12.96 13.37
C ALA B 85 -11.80 13.78 13.82
N GLY B 86 -11.55 14.84 14.60
CA GLY B 86 -12.59 15.75 15.06
C GLY B 86 -13.00 16.85 14.08
N VAL B 87 -12.54 16.85 12.82
CA VAL B 87 -12.87 17.86 11.82
C VAL B 87 -13.57 17.08 10.71
N GLY B 88 -14.90 17.29 10.53
CA GLY B 88 -15.60 16.73 9.39
C GLY B 88 -15.60 15.20 9.37
N PRO B 89 -16.18 14.57 8.32
CA PRO B 89 -16.32 13.11 8.27
C PRO B 89 -15.01 12.31 8.07
N SER B 90 -15.07 11.03 8.47
CA SER B 90 -13.96 10.10 8.30
C SER B 90 -14.10 9.46 6.92
N LEU B 91 -12.94 9.22 6.26
CA LEU B 91 -12.84 8.46 5.04
C LEU B 91 -12.85 6.96 5.31
N LEU B 92 -12.10 6.50 6.32
CA LEU B 92 -11.95 5.10 6.63
C LEU B 92 -13.22 4.69 7.37
N PRO B 93 -13.78 3.48 7.12
CA PRO B 93 -14.76 2.87 8.01
C PRO B 93 -14.29 2.72 9.47
N GLU B 94 -15.25 2.61 10.39
CA GLU B 94 -14.97 2.48 11.81
C GLU B 94 -14.41 1.08 12.13
N GLU B 95 -14.96 0.00 11.55
CA GLU B 95 -14.70 -1.37 11.97
C GLU B 95 -13.56 -2.03 11.17
N PRO B 96 -12.71 -2.94 11.78
CA PRO B 96 -11.56 -3.57 11.09
C PRO B 96 -11.84 -4.17 9.72
N HIS B 97 -12.96 -4.85 9.56
CA HIS B 97 -13.28 -5.56 8.33
C HIS B 97 -13.54 -4.57 7.20
N GLY B 98 -14.42 -3.58 7.42
CA GLY B 98 -14.66 -2.50 6.47
C GLY B 98 -13.42 -1.71 6.05
N ARG B 99 -12.50 -1.53 7.00
CA ARG B 99 -11.22 -0.90 6.77
C ARG B 99 -10.33 -1.77 5.86
N ALA B 100 -10.36 -3.10 6.07
CA ALA B 100 -9.62 -4.07 5.27
C ALA B 100 -10.12 -4.08 3.82
N VAL B 101 -11.45 -4.01 3.64
CA VAL B 101 -12.09 -3.89 2.34
C VAL B 101 -11.63 -2.64 1.61
N ALA B 102 -11.68 -1.48 2.30
CA ALA B 102 -11.27 -0.18 1.77
C ALA B 102 -9.80 -0.16 1.37
N ARG B 103 -8.90 -0.63 2.26
CA ARG B 103 -7.49 -0.71 1.93
C ARG B 103 -7.19 -1.67 0.76
N PHE B 104 -7.91 -2.81 0.64
CA PHE B 104 -7.82 -3.74 -0.48
C PHE B 104 -8.09 -3.04 -1.81
N TRP B 105 -9.24 -2.36 -1.94
CA TRP B 105 -9.57 -1.64 -3.17
C TRP B 105 -8.62 -0.45 -3.40
N ALA B 106 -8.09 0.19 -2.36
CA ALA B 106 -7.03 1.19 -2.50
C ALA B 106 -5.79 0.56 -3.15
N ALA B 107 -5.34 -0.60 -2.62
CA ALA B 107 -4.20 -1.33 -3.20
C ALA B 107 -4.44 -1.72 -4.66
N TYR B 108 -5.67 -2.13 -4.99
CA TYR B 108 -6.07 -2.54 -6.32
C TYR B 108 -6.04 -1.34 -7.28
N ILE B 109 -6.58 -0.20 -6.86
CA ILE B 109 -6.54 1.00 -7.69
C ILE B 109 -5.09 1.35 -8.06
N ASP B 110 -4.17 1.39 -7.10
CA ASP B 110 -2.77 1.74 -7.35
C ASP B 110 -2.00 0.59 -8.03
N GLY B 111 -2.15 -0.65 -7.54
CA GLY B 111 -1.40 -1.80 -8.05
C GLY B 111 -1.88 -2.35 -9.39
N THR B 112 -3.17 -2.18 -9.74
CA THR B 112 -3.77 -2.79 -10.92
C THR B 112 -4.24 -1.70 -11.88
N LEU B 113 -5.14 -0.80 -11.46
CA LEU B 113 -5.71 0.19 -12.37
C LEU B 113 -4.64 1.14 -12.88
N VAL B 114 -3.82 1.71 -11.97
CA VAL B 114 -2.86 2.74 -12.31
C VAL B 114 -1.67 2.14 -13.09
N LYS B 115 -1.22 0.92 -12.75
CA LYS B 115 -0.26 0.17 -13.57
C LYS B 115 -0.74 0.03 -15.03
N ALA B 116 -2.02 -0.31 -15.23
CA ALA B 116 -2.61 -0.47 -16.55
C ALA B 116 -2.87 0.88 -17.23
N SER B 117 -3.48 1.85 -16.53
CA SER B 117 -3.93 3.13 -17.05
C SER B 117 -2.78 4.04 -17.48
N SER B 118 -1.69 4.04 -16.69
CA SER B 118 -0.45 4.73 -17.02
C SER B 118 0.24 4.08 -18.23
N GLN B 119 0.26 2.73 -18.28
CA GLN B 119 0.78 1.98 -19.44
C GLN B 119 -0.04 2.24 -20.71
N ALA B 120 -1.39 2.38 -20.59
CA ALA B 120 -2.25 2.69 -21.74
C ALA B 120 -2.02 4.13 -22.20
N LYS B 129 0.37 -0.66 -25.42
CA LYS B 129 -0.67 0.40 -25.61
C LYS B 129 -2.03 -0.24 -25.87
N ALA B 130 -2.10 -1.16 -26.85
CA ALA B 130 -3.24 -2.06 -27.04
C ALA B 130 -3.37 -3.03 -25.86
N GLU B 131 -2.24 -3.68 -25.50
CA GLU B 131 -2.16 -4.67 -24.43
C GLU B 131 -2.51 -4.05 -23.07
N GLY B 132 -1.97 -2.85 -22.79
CA GLY B 132 -2.36 -2.03 -21.65
C GLY B 132 -3.84 -1.65 -21.63
N LYS B 133 -4.43 -1.33 -22.80
CA LYS B 133 -5.85 -1.03 -22.94
C LYS B 133 -6.75 -2.25 -22.67
N LYS B 134 -6.27 -3.48 -22.93
CA LYS B 134 -6.97 -4.70 -22.50
C LYS B 134 -7.05 -4.80 -20.97
N GLN B 135 -5.93 -4.53 -20.27
CA GLN B 135 -5.85 -4.58 -18.81
C GLN B 135 -6.68 -3.48 -18.13
N VAL B 136 -6.78 -2.27 -18.72
CA VAL B 136 -7.58 -1.17 -18.19
C VAL B 136 -9.07 -1.54 -18.15
N THR B 137 -9.63 -2.04 -19.26
CA THR B 137 -11.06 -2.34 -19.26
C THR B 137 -11.36 -3.56 -18.36
N ALA B 138 -10.42 -4.51 -18.17
CA ALA B 138 -10.55 -5.57 -17.17
C ALA B 138 -10.61 -5.04 -15.73
N ALA B 139 -9.73 -4.09 -15.39
CA ALA B 139 -9.67 -3.47 -14.07
C ALA B 139 -10.91 -2.62 -13.75
N VAL B 140 -11.40 -1.86 -14.73
CA VAL B 140 -12.64 -1.09 -14.64
C VAL B 140 -13.83 -2.03 -14.41
N GLU B 141 -13.92 -3.15 -15.15
CA GLU B 141 -14.97 -4.15 -14.98
C GLU B 141 -15.00 -4.67 -13.53
N THR B 142 -13.84 -5.02 -12.96
CA THR B 142 -13.71 -5.42 -11.56
C THR B 142 -14.19 -4.33 -10.59
N LEU B 143 -13.77 -3.06 -10.82
CA LEU B 143 -14.19 -1.91 -10.02
C LEU B 143 -15.70 -1.61 -10.09
N GLU B 144 -16.40 -1.94 -11.21
CA GLU B 144 -17.88 -1.94 -11.25
C GLU B 144 -18.45 -2.90 -10.20
N GLY B 145 -17.86 -4.10 -10.12
CA GLY B 145 -18.20 -5.10 -9.13
C GLY B 145 -17.89 -4.66 -7.69
N ALA B 146 -16.73 -4.02 -7.48
CA ALA B 146 -16.36 -3.46 -6.18
C ALA B 146 -17.42 -2.49 -5.70
N LEU B 147 -17.90 -1.60 -6.60
CA LEU B 147 -18.83 -0.54 -6.23
C LEU B 147 -20.18 -1.13 -5.83
N ARG B 148 -20.75 -2.02 -6.65
CA ARG B 148 -21.99 -2.75 -6.33
C ARG B 148 -21.93 -3.39 -4.94
N ASP B 149 -20.83 -4.11 -4.64
CA ASP B 149 -20.64 -4.92 -3.45
C ASP B 149 -20.30 -4.07 -2.23
N CYS B 150 -19.53 -2.97 -2.37
CA CYS B 150 -19.18 -2.04 -1.30
C CYS B 150 -20.35 -1.09 -0.94
N SER B 151 -20.96 -0.50 -1.97
CA SER B 151 -21.97 0.52 -1.80
C SER B 151 -23.28 -0.02 -1.21
N ASN B 152 -23.74 -1.20 -1.65
CA ASN B 152 -25.00 -1.82 -1.24
C ASN B 152 -26.20 -0.97 -1.70
N GLY B 153 -26.16 -0.50 -2.96
CA GLY B 153 -27.17 0.38 -3.52
C GLY B 153 -27.03 1.86 -3.17
N LYS B 154 -25.99 2.27 -2.42
CA LYS B 154 -25.75 3.68 -2.10
C LYS B 154 -24.84 4.32 -3.16
N PRO B 155 -24.74 5.67 -3.28
CA PRO B 155 -23.95 6.29 -4.34
C PRO B 155 -22.44 6.02 -4.30
N PHE B 156 -21.84 5.78 -3.13
CA PHE B 156 -20.39 5.79 -2.98
C PHE B 156 -19.88 4.47 -2.46
N PHE B 157 -18.58 4.23 -2.64
CA PHE B 157 -17.87 3.16 -1.93
C PHE B 157 -18.05 3.27 -0.40
N GLY B 158 -17.99 4.49 0.13
CA GLY B 158 -18.14 4.77 1.55
C GLY B 158 -19.58 4.75 2.06
N GLY B 159 -20.59 4.79 1.17
CA GLY B 159 -22.00 4.66 1.48
C GLY B 159 -22.77 5.88 0.97
N ASP B 160 -23.51 6.55 1.86
CA ASP B 160 -24.13 7.84 1.58
C ASP B 160 -23.14 9.02 1.53
N THR B 161 -21.93 8.85 2.09
CA THR B 161 -20.88 9.85 2.07
C THR B 161 -19.64 9.24 1.44
N ALA B 162 -18.83 10.08 0.78
CA ALA B 162 -17.62 9.64 0.13
C ALA B 162 -16.58 9.22 1.18
N GLY B 163 -15.90 8.09 0.92
CA GLY B 163 -14.94 7.48 1.83
C GLY B 163 -13.60 7.35 1.10
N TYR B 164 -12.69 6.60 1.72
CA TYR B 164 -11.31 6.41 1.30
C TYR B 164 -11.20 5.96 -0.17
N VAL B 165 -11.96 4.90 -0.50
CA VAL B 165 -11.92 4.33 -1.84
C VAL B 165 -12.40 5.38 -2.86
N ASP B 166 -13.48 6.09 -2.56
CA ASP B 166 -13.98 7.15 -3.44
C ASP B 166 -12.96 8.24 -3.74
N VAL B 167 -12.13 8.59 -2.73
CA VAL B 167 -11.09 9.60 -2.90
C VAL B 167 -9.95 9.00 -3.72
N MET B 168 -9.55 7.75 -3.44
CA MET B 168 -8.44 7.14 -4.20
C MET B 168 -8.77 7.04 -5.68
N LEU B 169 -9.99 6.65 -6.02
CA LEU B 169 -10.44 6.62 -7.40
C LEU B 169 -10.75 8.02 -7.91
N GLY B 170 -11.38 8.88 -7.11
CA GLY B 170 -11.81 10.23 -7.48
C GLY B 170 -10.67 11.17 -7.89
N GLY B 171 -9.50 10.98 -7.23
CA GLY B 171 -8.26 11.62 -7.59
C GLY B 171 -7.82 11.45 -9.05
N LEU B 172 -8.14 10.30 -9.65
CA LEU B 172 -7.83 9.95 -11.04
C LEU B 172 -8.90 10.43 -12.03
N LEU B 173 -10.00 11.07 -11.61
CA LEU B 173 -11.13 11.33 -12.48
C LEU B 173 -10.81 12.31 -13.59
N ALA B 174 -10.08 13.40 -13.26
CA ALA B 174 -9.72 14.42 -14.24
C ALA B 174 -8.73 13.83 -15.25
N TRP B 175 -7.71 13.09 -14.77
CA TRP B 175 -6.79 12.30 -15.58
C TRP B 175 -7.53 11.35 -16.54
N VAL B 176 -8.54 10.63 -16.05
CA VAL B 176 -9.37 9.74 -16.84
C VAL B 176 -10.20 10.53 -17.87
N HIS B 177 -10.83 11.66 -17.47
CA HIS B 177 -11.61 12.51 -18.37
C HIS B 177 -10.78 13.07 -19.52
N ALA B 178 -9.52 13.49 -19.24
CA ALA B 178 -8.62 14.04 -20.24
C ALA B 178 -8.23 12.97 -21.26
N GLY B 179 -7.74 11.82 -20.78
CA GLY B 179 -7.52 10.60 -21.56
C GLY B 179 -8.69 10.23 -22.48
N ASP B 180 -9.91 10.20 -21.92
CA ASP B 180 -11.15 9.97 -22.63
C ASP B 180 -11.40 11.00 -23.75
N LYS B 181 -11.18 12.29 -23.46
CA LYS B 181 -11.46 13.34 -24.43
C LYS B 181 -10.41 13.33 -25.56
N MET B 182 -9.14 13.02 -25.26
CA MET B 182 -8.09 12.78 -26.26
C MET B 182 -8.41 11.61 -27.20
N LYS B 183 -8.83 10.44 -26.66
CA LYS B 183 -9.02 9.20 -27.42
C LYS B 183 -10.39 9.08 -28.11
N GLY B 184 -11.46 9.74 -27.63
CA GLY B 184 -12.83 9.55 -28.10
C GLY B 184 -13.52 8.31 -27.48
N VAL B 185 -13.14 7.94 -26.24
CA VAL B 185 -13.58 6.72 -25.56
C VAL B 185 -14.17 7.11 -24.21
N LYS B 186 -15.08 6.29 -23.63
CA LYS B 186 -15.47 6.39 -22.23
C LYS B 186 -14.86 5.20 -21.49
N THR B 187 -13.96 5.47 -20.53
CA THR B 187 -13.46 4.51 -19.56
C THR B 187 -14.62 3.99 -18.70
N PHE B 188 -15.47 4.91 -18.15
CA PHE B 188 -16.70 4.62 -17.42
C PHE B 188 -17.86 4.76 -18.41
N ASP B 189 -17.93 3.81 -19.36
CA ASP B 189 -18.98 3.77 -20.37
C ASP B 189 -20.28 3.30 -19.69
N PRO B 190 -21.39 4.09 -19.71
CA PRO B 190 -22.67 3.64 -19.15
C PRO B 190 -23.23 2.33 -19.74
N ALA B 191 -22.89 1.98 -20.99
CA ALA B 191 -23.24 0.69 -21.57
C ALA B 191 -22.59 -0.50 -20.86
N THR B 192 -21.38 -0.34 -20.29
CA THR B 192 -20.54 -1.43 -19.79
C THR B 192 -20.43 -1.38 -18.26
N THR B 193 -20.12 -0.19 -17.70
CA THR B 193 -20.06 0.05 -16.25
C THR B 193 -21.00 1.22 -15.88
N PRO B 194 -22.35 1.01 -15.79
CA PRO B 194 -23.27 2.09 -15.42
C PRO B 194 -23.08 2.65 -14.01
N LEU B 195 -22.80 1.78 -13.02
CA LEU B 195 -22.56 2.19 -11.62
C LEU B 195 -21.38 3.16 -11.51
N LEU B 196 -20.26 2.87 -12.19
CA LEU B 196 -19.08 3.76 -12.23
C LEU B 196 -19.36 5.05 -13.00
N ALA B 197 -20.15 5.00 -14.10
CA ALA B 197 -20.54 6.22 -14.82
C ALA B 197 -21.33 7.18 -13.91
N ALA B 198 -22.34 6.65 -13.19
CA ALA B 198 -23.12 7.40 -12.22
C ALA B 198 -22.27 7.89 -11.05
N TRP B 199 -21.35 7.06 -10.55
CA TRP B 199 -20.44 7.44 -9.47
C TRP B 199 -19.54 8.62 -9.85
N ALA B 200 -18.93 8.57 -11.05
CA ALA B 200 -18.12 9.70 -11.52
C ALA B 200 -18.91 11.02 -11.51
N ASP B 201 -20.17 10.99 -11.99
CA ASP B 201 -21.07 12.15 -11.94
C ASP B 201 -21.44 12.56 -10.50
N ASN B 202 -21.78 11.62 -9.63
CA ASN B 202 -22.16 11.89 -8.24
C ASN B 202 -20.98 12.45 -7.42
N PHE B 203 -19.81 11.81 -7.49
CA PHE B 203 -18.62 12.30 -6.81
C PHE B 203 -18.18 13.64 -7.37
N GLY B 204 -18.10 13.74 -8.71
CA GLY B 204 -17.76 14.96 -9.44
C GLY B 204 -18.63 16.17 -9.07
N SER B 205 -19.93 15.95 -8.75
CA SER B 205 -20.89 17.01 -8.44
C SER B 205 -20.92 17.45 -6.98
N LEU B 206 -20.19 16.79 -6.06
CA LEU B 206 -20.00 17.25 -4.68
C LEU B 206 -19.30 18.62 -4.66
N ASP B 207 -19.82 19.56 -3.83
CA ASP B 207 -19.25 20.90 -3.64
C ASP B 207 -17.78 20.83 -3.23
N ALA B 208 -17.44 19.91 -2.30
CA ALA B 208 -16.07 19.75 -1.84
C ALA B 208 -15.16 19.27 -2.98
N VAL B 209 -15.69 18.47 -3.91
CA VAL B 209 -14.97 17.95 -5.07
C VAL B 209 -14.85 19.05 -6.15
N GLU B 210 -15.95 19.73 -6.50
CA GLU B 210 -15.93 20.80 -7.50
C GLU B 210 -14.97 21.96 -7.17
N ALA B 211 -14.80 22.26 -5.87
CA ALA B 211 -13.90 23.31 -5.40
C ALA B 211 -12.41 23.06 -5.72
N VAL B 212 -11.96 21.80 -5.90
CA VAL B 212 -10.56 21.47 -6.13
C VAL B 212 -10.31 20.72 -7.43
N MET B 213 -11.35 20.40 -8.23
CA MET B 213 -11.19 19.53 -9.39
C MET B 213 -10.67 20.41 -10.54
N PRO B 214 -9.46 20.15 -11.12
CA PRO B 214 -8.90 21.04 -12.14
C PRO B 214 -9.70 21.00 -13.44
N ASP B 215 -9.58 22.06 -14.24
CA ASP B 215 -10.21 22.11 -15.55
C ASP B 215 -9.60 21.01 -16.43
N VAL B 216 -10.46 20.15 -16.99
CA VAL B 216 -10.08 19.05 -17.87
C VAL B 216 -9.28 19.55 -19.08
N GLY B 217 -9.74 20.63 -19.73
CA GLY B 217 -9.05 21.24 -20.87
C GLY B 217 -7.58 21.57 -20.59
N LYS B 218 -7.31 22.16 -19.42
CA LYS B 218 -5.96 22.45 -18.93
C LYS B 218 -5.13 21.16 -18.79
N LEU B 219 -5.70 20.06 -18.26
CA LEU B 219 -5.02 18.77 -18.16
C LEU B 219 -4.56 18.25 -19.55
N VAL B 220 -5.43 18.41 -20.56
CA VAL B 220 -5.20 17.89 -21.90
C VAL B 220 -3.96 18.58 -22.48
N GLU B 221 -3.89 19.92 -22.37
CA GLU B 221 -2.74 20.70 -22.80
C GLU B 221 -1.43 20.23 -22.15
N PHE B 222 -1.48 20.00 -20.82
CA PHE B 222 -0.34 19.55 -20.04
C PHE B 222 0.19 18.23 -20.63
N ALA B 223 -0.68 17.22 -20.78
CA ALA B 223 -0.35 15.97 -21.45
C ALA B 223 -0.27 16.19 -22.97
#